data_9OK1
#
_entry.id   9OK1
#
_cell.length_a   166.658
_cell.length_b   55.048
_cell.length_c   120.473
_cell.angle_alpha   90.00
_cell.angle_beta   130.00
_cell.angle_gamma   90.00
#
_symmetry.space_group_name_H-M   'C 1 2 1'
#
loop_
_entity.id
_entity.type
_entity.pdbx_description
1 polymer "Bis(5'-nucleosyl)-tetraphosphatase [symmetrical]"
2 non-polymer "CYTIDINE-5'-DIPHOSPHATE"
3 non-polymer 'MANGANESE (II) ION'
4 non-polymer 'MAGNESIUM ION'
5 non-polymer 'SULFATE ION'
6 non-polymer '4-(2-HYDROXYETHYL)-1-PIPERAZINE ETHANESULFONIC ACID'
7 water water
#
_entity_poly.entity_id   1
_entity_poly.type   'polypeptide(L)'
_entity_poly.pdbx_seq_one_letter_code
;MATYLIGDVHGCYDELIALLHKVEFTPGKDTLWLTGDLVARGPGSLDVLRYVKSLGDSVRLVLGNHDLHLLAVFAGISRN
KPKDRLTPLLEAPDADELLNWLRRQPLLQIDEEKKLVMAHAGITPQWDLQTAKECARDVEAVLSSDSYPFFLDAMYGDMP
NNWSPELRGLGRLRFITNAFTRMRFCFPNGQLDMYSKESPEEAPAPLKPWFAIPGPVAEEYSIAFGHWASLEGKGTPEGI
YALDTGCCWGGTLTCLRWEDKQYFVQPSNRHKDLGEAAASHHHHHH
;
_entity_poly.pdbx_strand_id   A,B
#
# COMPACT_ATOMS: atom_id res chain seq x y z
N ALA A 2 -10.66 15.28 33.12
CA ALA A 2 -10.76 15.71 31.72
C ALA A 2 -10.88 14.48 30.84
N THR A 3 -11.37 14.68 29.62
CA THR A 3 -11.53 13.60 28.65
C THR A 3 -10.59 13.89 27.49
N TYR A 4 -9.71 12.93 27.20
CA TYR A 4 -8.74 13.04 26.12
C TYR A 4 -9.01 11.95 25.09
N LEU A 5 -8.93 12.31 23.81
CA LEU A 5 -9.11 11.37 22.71
C LEU A 5 -7.86 11.39 21.83
N ILE A 6 -7.26 10.23 21.59
CA ILE A 6 -6.05 10.16 20.79
C ILE A 6 -6.26 9.19 19.63
N GLY A 7 -5.74 9.56 18.45
CA GLY A 7 -5.85 8.77 17.24
C GLY A 7 -4.85 7.60 17.22
N ASP A 8 -4.70 7.02 16.03
CA ASP A 8 -3.99 5.75 15.90
C ASP A 8 -2.55 5.87 16.42
N VAL A 9 -2.19 5.00 17.36
CA VAL A 9 -0.88 5.04 18.01
C VAL A 9 0.17 4.25 17.22
N HIS A 10 -0.24 3.13 16.62
CA HIS A 10 0.63 2.30 15.77
C HIS A 10 2.01 2.11 16.39
N GLY A 11 2.01 1.63 17.63
CA GLY A 11 3.26 1.26 18.26
C GLY A 11 4.16 2.43 18.61
N CYS A 12 3.67 3.65 18.49
CA CYS A 12 4.47 4.85 18.77
C CYS A 12 4.35 5.18 20.26
N TYR A 13 4.96 4.31 21.07
CA TYR A 13 4.86 4.41 22.52
C TYR A 13 5.48 5.72 23.04
N ASP A 14 6.68 6.05 22.59
CA ASP A 14 7.32 7.27 23.08
C ASP A 14 6.45 8.48 22.85
N GLU A 15 5.87 8.60 21.64
CA GLU A 15 5.07 9.77 21.36
C GLU A 15 3.81 9.77 22.19
N LEU A 16 3.20 8.61 22.40
CA LEU A 16 2.00 8.53 23.21
C LEU A 16 2.29 9.04 24.62
N ILE A 17 3.35 8.54 25.24
CA ILE A 17 3.63 8.95 26.61
C ILE A 17 3.97 10.43 26.67
N ALA A 18 4.71 10.93 25.68
CA ALA A 18 5.05 12.35 25.66
C ALA A 18 3.79 13.21 25.54
N LEU A 19 2.86 12.80 24.68
CA LEU A 19 1.62 13.56 24.53
C LEU A 19 0.81 13.52 25.82
N LEU A 20 0.74 12.36 26.46
CA LEU A 20 -0.02 12.26 27.70
C LEU A 20 0.63 13.08 28.81
N HIS A 21 1.96 13.16 28.83
CA HIS A 21 2.64 14.01 29.81
C HIS A 21 2.38 15.48 29.50
N LYS A 22 2.26 15.83 28.22
CA LYS A 22 1.94 17.20 27.83
C LYS A 22 0.63 17.65 28.45
N VAL A 23 -0.39 16.79 28.45
CA VAL A 23 -1.69 17.16 29.01
C VAL A 23 -1.82 16.80 30.47
N GLU A 24 -0.76 16.30 31.11
CA GLU A 24 -0.80 15.85 32.50
C GLU A 24 -1.93 14.86 32.72
N PHE A 25 -2.00 13.86 31.84
CA PHE A 25 -3.02 12.85 31.95
C PHE A 25 -2.89 12.09 33.27
N THR A 26 -3.97 12.07 34.05
CA THR A 26 -3.97 11.49 35.38
C THR A 26 -5.12 10.50 35.55
N PRO A 27 -4.87 9.20 35.42
CA PRO A 27 -5.93 8.21 35.67
C PRO A 27 -6.56 8.48 37.04
N GLY A 28 -7.88 8.34 37.10
CA GLY A 28 -8.64 8.65 38.28
C GLY A 28 -9.31 10.01 38.23
N LYS A 29 -8.66 10.98 37.59
CA LYS A 29 -9.26 12.27 37.28
C LYS A 29 -9.60 12.44 35.81
N ASP A 30 -8.92 11.72 34.92
CA ASP A 30 -9.07 11.87 33.48
C ASP A 30 -9.37 10.51 32.87
N THR A 31 -10.01 10.55 31.70
CA THR A 31 -10.30 9.37 30.90
C THR A 31 -9.71 9.56 29.50
N LEU A 32 -9.14 8.49 28.96
CA LEU A 32 -8.52 8.54 27.65
C LEU A 32 -9.32 7.65 26.71
N TRP A 33 -9.72 8.20 25.56
CA TRP A 33 -10.32 7.42 24.48
C TRP A 33 -9.26 7.19 23.41
N LEU A 34 -9.16 5.96 22.91
CA LEU A 34 -8.18 5.62 21.87
C LEU A 34 -8.91 5.01 20.68
N THR A 35 -8.60 5.50 19.47
CA THR A 35 -9.31 5.10 18.25
C THR A 35 -8.88 3.75 17.73
N GLY A 36 -7.98 3.06 18.39
CA GLY A 36 -7.57 1.74 17.91
C GLY A 36 -6.36 1.85 17.01
N ASP A 37 -6.02 0.71 16.41
CA ASP A 37 -4.72 0.56 15.76
C ASP A 37 -3.60 0.95 16.73
N LEU A 38 -3.61 0.28 17.86
CA LEU A 38 -2.57 0.49 18.86
C LEU A 38 -1.21 -0.02 18.41
N VAL A 39 -1.19 -0.97 17.49
CA VAL A 39 -0.01 -1.77 17.21
C VAL A 39 0.34 -1.65 15.73
N ALA A 40 1.54 -2.14 15.40
CA ALA A 40 2.08 -2.27 14.04
C ALA A 40 2.73 -1.00 13.51
N ARG A 41 3.83 -1.20 12.76
CA ARG A 41 4.62 -0.18 12.06
C ARG A 41 5.58 0.54 12.99
N GLY A 42 5.06 1.17 14.04
CA GLY A 42 5.92 1.78 15.03
C GLY A 42 6.69 0.73 15.80
N PRO A 43 7.70 1.15 16.57
CA PRO A 43 8.59 0.17 17.21
C PRO A 43 8.08 -0.39 18.53
N GLY A 44 7.09 0.22 19.18
CA GLY A 44 6.73 -0.18 20.53
C GLY A 44 5.34 -0.74 20.76
N SER A 45 4.88 -1.63 19.88
CA SER A 45 3.56 -2.24 20.07
C SER A 45 3.45 -2.94 21.41
N LEU A 46 4.53 -3.61 21.84
CA LEU A 46 4.50 -4.32 23.13
C LEU A 46 4.27 -3.34 24.28
N ASP A 47 5.06 -2.27 24.33
CA ASP A 47 4.91 -1.30 25.41
C ASP A 47 3.56 -0.62 25.34
N VAL A 48 3.08 -0.30 24.13
CA VAL A 48 1.77 0.33 24.01
C VAL A 48 0.70 -0.57 24.60
N LEU A 49 0.65 -1.85 24.18
CA LEU A 49 -0.41 -2.70 24.72
C LEU A 49 -0.29 -2.86 26.23
N ARG A 50 0.94 -3.02 26.75
CA ARG A 50 1.11 -3.14 28.19
C ARG A 50 0.53 -1.94 28.92
N TYR A 51 0.87 -0.74 28.45
CA TYR A 51 0.40 0.48 29.11
C TYR A 51 -1.12 0.62 29.02
N VAL A 52 -1.66 0.47 27.81
CA VAL A 52 -3.09 0.69 27.65
C VAL A 52 -3.88 -0.30 28.48
N LYS A 53 -3.46 -1.59 28.49
CA LYS A 53 -4.14 -2.55 29.35
C LYS A 53 -4.08 -2.13 30.81
N SER A 54 -2.94 -1.57 31.25
CA SER A 54 -2.82 -1.19 32.66
C SER A 54 -3.76 -0.06 33.05
N LEU A 55 -4.24 0.71 32.08
CA LEU A 55 -5.10 1.84 32.45
C LEU A 55 -6.51 1.41 32.89
N GLY A 56 -6.97 0.22 32.50
CA GLY A 56 -8.25 -0.26 33.01
C GLY A 56 -9.38 0.70 32.66
N ASP A 57 -10.20 1.02 33.67
CA ASP A 57 -11.37 1.86 33.43
C ASP A 57 -11.02 3.29 33.02
N SER A 58 -9.76 3.70 33.12
CA SER A 58 -9.35 5.02 32.68
C SER A 58 -9.13 5.12 31.18
N VAL A 59 -9.31 4.01 30.44
CA VAL A 59 -9.19 4.07 28.99
C VAL A 59 -10.44 3.42 28.38
N ARG A 60 -10.91 4.02 27.29
CA ARG A 60 -11.99 3.50 26.47
C ARG A 60 -11.41 3.28 25.07
N LEU A 61 -11.20 2.02 24.71
CA LEU A 61 -10.59 1.65 23.45
C LEU A 61 -11.65 1.13 22.48
N VAL A 62 -11.41 1.35 21.19
CA VAL A 62 -12.10 0.59 20.14
C VAL A 62 -11.04 -0.12 19.33
N LEU A 63 -11.36 -1.30 18.82
CA LEU A 63 -10.37 -2.04 18.04
C LEU A 63 -10.34 -1.55 16.60
N GLY A 64 -9.13 -1.45 16.04
CA GLY A 64 -8.92 -1.12 14.66
C GLY A 64 -8.52 -2.34 13.81
N ASN A 65 -8.33 -2.08 12.52
CA ASN A 65 -8.06 -3.20 11.62
C ASN A 65 -6.70 -3.84 11.91
N HIS A 66 -5.72 -3.06 12.39
CA HIS A 66 -4.41 -3.63 12.72
C HIS A 66 -4.41 -4.39 14.04
N ASP A 67 -5.27 -4.01 14.98
CA ASP A 67 -5.47 -4.83 16.17
C ASP A 67 -6.04 -6.20 15.80
N LEU A 68 -7.06 -6.19 14.95
CA LEU A 68 -7.62 -7.46 14.49
C LEU A 68 -6.58 -8.28 13.73
N HIS A 69 -5.79 -7.63 12.87
CA HIS A 69 -4.75 -8.37 12.16
C HIS A 69 -3.75 -9.01 13.13
N LEU A 70 -3.31 -8.26 14.13
CA LEU A 70 -2.43 -8.85 15.14
C LEU A 70 -3.07 -10.07 15.77
N LEU A 71 -4.36 -9.99 16.10
CA LEU A 71 -5.01 -11.15 16.71
C LEU A 71 -5.00 -12.33 15.74
N ALA A 72 -5.22 -12.06 14.44
CA ALA A 72 -5.18 -13.14 13.44
C ALA A 72 -3.78 -13.75 13.32
N VAL A 73 -2.74 -12.93 13.40
CA VAL A 73 -1.38 -13.48 13.35
C VAL A 73 -1.12 -14.35 14.57
N PHE A 74 -1.45 -13.83 15.74
CA PHE A 74 -1.29 -14.57 17.00
C PHE A 74 -1.99 -15.91 16.97
N ALA A 75 -3.19 -15.97 16.39
CA ALA A 75 -3.96 -17.19 16.34
C ALA A 75 -3.54 -18.12 15.19
N GLY A 76 -2.52 -17.76 14.41
CA GLY A 76 -2.08 -18.59 13.31
C GLY A 76 -2.98 -18.55 12.08
N ILE A 77 -3.87 -17.57 12.01
CA ILE A 77 -4.78 -17.40 10.88
C ILE A 77 -4.08 -16.68 9.73
N SER A 78 -3.26 -15.69 10.03
CA SER A 78 -2.69 -14.81 9.02
C SER A 78 -1.19 -14.74 9.20
N ARG A 79 -0.49 -14.39 8.13
CA ARG A 79 0.96 -14.38 8.12
C ARG A 79 1.48 -13.05 8.68
N ASN A 80 2.57 -13.13 9.43
CA ASN A 80 3.23 -11.95 9.98
C ASN A 80 3.99 -11.19 8.89
N LYS A 81 3.68 -9.91 8.73
CA LYS A 81 4.39 -9.10 7.76
C LYS A 81 5.57 -8.40 8.43
N PRO A 82 6.79 -8.57 7.94
CA PRO A 82 7.95 -7.96 8.63
C PRO A 82 7.77 -6.48 8.92
N LYS A 83 7.19 -5.72 7.98
CA LYS A 83 7.06 -4.28 8.18
C LYS A 83 6.18 -3.92 9.37
N ASP A 84 5.31 -4.82 9.84
CA ASP A 84 4.47 -4.49 10.99
C ASP A 84 5.23 -4.48 12.30
N ARG A 85 6.40 -5.12 12.37
CA ARG A 85 7.22 -5.08 13.59
C ARG A 85 6.49 -5.61 14.82
N LEU A 86 5.76 -6.71 14.66
CA LEU A 86 4.98 -7.31 15.75
C LEU A 86 5.73 -8.40 16.50
N THR A 87 6.93 -8.77 16.08
CA THR A 87 7.58 -9.94 16.68
C THR A 87 7.87 -9.78 18.17
N PRO A 88 8.36 -8.64 18.67
CA PRO A 88 8.59 -8.55 20.13
C PRO A 88 7.33 -8.77 20.93
N LEU A 89 6.19 -8.26 20.46
CA LEU A 89 4.92 -8.48 21.15
C LEU A 89 4.50 -9.95 21.05
N LEU A 90 4.58 -10.53 19.85
CA LEU A 90 4.17 -11.92 19.70
C LEU A 90 5.03 -12.87 20.54
N GLU A 91 6.30 -12.52 20.75
CA GLU A 91 7.23 -13.36 21.50
C GLU A 91 7.29 -13.01 22.98
N ALA A 92 6.52 -12.02 23.42
CA ALA A 92 6.59 -11.60 24.82
C ALA A 92 6.06 -12.70 25.72
N PRO A 93 6.63 -12.86 26.91
CA PRO A 93 6.10 -13.85 27.86
C PRO A 93 4.66 -13.56 28.24
N ASP A 94 4.22 -12.30 28.19
CA ASP A 94 2.85 -11.96 28.53
C ASP A 94 1.96 -11.80 27.29
N ALA A 95 2.37 -12.35 26.14
CA ALA A 95 1.59 -12.16 24.92
C ALA A 95 0.18 -12.66 25.11
N ASP A 96 -0.01 -13.83 25.74
CA ASP A 96 -1.35 -14.38 25.95
C ASP A 96 -2.23 -13.41 26.74
N GLU A 97 -1.72 -12.94 27.89
CA GLU A 97 -2.47 -11.98 28.71
C GLU A 97 -2.88 -10.74 27.92
N LEU A 98 -1.93 -10.16 27.18
CA LEU A 98 -2.16 -8.93 26.45
C LEU A 98 -3.20 -9.13 25.35
N LEU A 99 -3.06 -10.23 24.59
CA LEU A 99 -3.92 -10.38 23.42
C LEU A 99 -5.30 -10.89 23.80
N ASN A 100 -5.38 -11.71 24.84
CA ASN A 100 -6.68 -12.10 25.34
C ASN A 100 -7.41 -10.91 25.91
N TRP A 101 -6.69 -9.95 26.51
CA TRP A 101 -7.36 -8.70 26.88
C TRP A 101 -7.78 -7.92 25.64
N LEU A 102 -6.89 -7.81 24.64
CA LEU A 102 -7.18 -7.00 23.46
C LEU A 102 -8.43 -7.48 22.76
N ARG A 103 -8.57 -8.80 22.58
CA ARG A 103 -9.71 -9.28 21.82
C ARG A 103 -11.03 -9.11 22.55
N ARG A 104 -11.00 -8.76 23.84
CA ARG A 104 -12.21 -8.51 24.62
C ARG A 104 -12.66 -7.05 24.57
N GLN A 105 -11.95 -6.20 23.83
CA GLN A 105 -12.25 -4.78 23.86
C GLN A 105 -13.31 -4.43 22.80
N PRO A 106 -13.99 -3.31 22.98
CA PRO A 106 -15.14 -3.00 22.11
C PRO A 106 -14.73 -2.57 20.72
N LEU A 107 -15.70 -2.64 19.81
CA LEU A 107 -15.61 -1.99 18.51
C LEU A 107 -16.23 -0.60 18.51
N LEU A 108 -17.02 -0.28 19.53
CA LEU A 108 -17.82 0.94 19.57
C LEU A 108 -17.89 1.45 21.00
N GLN A 109 -17.68 2.76 21.17
CA GLN A 109 -17.81 3.41 22.47
C GLN A 109 -18.85 4.52 22.36
N ILE A 110 -19.77 4.60 23.31
CA ILE A 110 -20.80 5.65 23.33
C ILE A 110 -20.82 6.29 24.71
N ASP A 111 -20.81 7.62 24.72
CA ASP A 111 -21.01 8.38 25.96
C ASP A 111 -22.22 9.27 25.72
N GLU A 112 -23.33 8.96 26.40
CA GLU A 112 -24.58 9.67 26.16
C GLU A 112 -24.56 11.08 26.74
N GLU A 113 -23.85 11.30 27.85
CA GLU A 113 -23.79 12.65 28.41
C GLU A 113 -23.01 13.60 27.51
N LYS A 114 -22.00 13.09 26.81
CA LYS A 114 -21.27 13.90 25.86
C LYS A 114 -21.87 13.84 24.46
N LYS A 115 -22.88 12.99 24.24
CA LYS A 115 -23.40 12.76 22.90
C LYS A 115 -22.24 12.49 21.96
N LEU A 116 -21.42 11.51 22.33
CA LEU A 116 -20.17 11.24 21.63
C LEU A 116 -20.08 9.75 21.33
N VAL A 117 -19.76 9.42 20.08
CA VAL A 117 -19.59 8.05 19.61
C VAL A 117 -18.18 7.91 19.06
N MET A 118 -17.53 6.77 19.33
CA MET A 118 -16.26 6.50 18.70
C MET A 118 -16.22 5.09 18.12
N ALA A 119 -15.68 4.96 16.91
CA ALA A 119 -15.32 3.67 16.31
C ALA A 119 -14.04 3.89 15.51
N HIS A 120 -13.36 2.80 15.11
CA HIS A 120 -12.05 3.01 14.49
C HIS A 120 -12.18 3.82 13.20
N ALA A 121 -13.09 3.42 12.32
CA ALA A 121 -13.24 4.04 11.01
C ALA A 121 -14.40 5.02 10.93
N GLY A 122 -15.28 5.03 11.93
CA GLY A 122 -16.46 5.88 11.89
C GLY A 122 -17.74 5.07 11.96
N ILE A 123 -18.86 5.68 11.59
CA ILE A 123 -20.15 5.00 11.60
C ILE A 123 -20.71 5.11 10.19
N THR A 124 -20.94 3.96 9.55
CA THR A 124 -21.49 4.02 8.20
C THR A 124 -22.84 4.75 8.23
N PRO A 125 -23.12 5.56 7.22
CA PRO A 125 -24.43 6.25 7.17
C PRO A 125 -25.60 5.30 7.02
N GLN A 126 -25.37 4.03 6.70
CA GLN A 126 -26.43 3.05 6.61
C GLN A 126 -26.86 2.51 7.96
N TRP A 127 -26.22 2.91 9.05
CA TRP A 127 -26.54 2.45 10.39
C TRP A 127 -27.16 3.57 11.20
N ASP A 128 -28.25 3.26 11.91
CA ASP A 128 -28.68 4.09 13.02
C ASP A 128 -27.97 3.57 14.28
N LEU A 129 -28.19 4.25 15.40
CA LEU A 129 -27.42 3.93 16.60
C LEU A 129 -27.73 2.52 17.09
N GLN A 130 -29.01 2.12 17.09
CA GLN A 130 -29.37 0.81 17.62
C GLN A 130 -28.75 -0.30 16.78
N THR A 131 -28.69 -0.11 15.47
CA THR A 131 -28.06 -1.09 14.59
C THR A 131 -26.55 -1.15 14.83
N ALA A 132 -25.89 0.01 14.90
CA ALA A 132 -24.47 0.02 15.22
C ALA A 132 -24.19 -0.73 16.51
N LYS A 133 -25.04 -0.52 17.54
CA LYS A 133 -24.80 -1.19 18.81
C LYS A 133 -24.96 -2.69 18.69
N GLU A 134 -26.02 -3.12 18.02
CA GLU A 134 -26.24 -4.56 17.85
C GLU A 134 -25.09 -5.21 17.08
N CYS A 135 -24.61 -4.54 16.03
CA CYS A 135 -23.52 -5.10 15.25
C CYS A 135 -22.23 -5.17 16.07
N ALA A 136 -21.91 -4.10 16.80
CA ALA A 136 -20.74 -4.17 17.68
C ALA A 136 -20.87 -5.31 18.65
N ARG A 137 -22.04 -5.49 19.27
CA ARG A 137 -22.20 -6.56 20.23
C ARG A 137 -21.96 -7.93 19.59
N ASP A 138 -22.49 -8.14 18.39
CA ASP A 138 -22.33 -9.46 17.76
C ASP A 138 -20.86 -9.76 17.49
N VAL A 139 -20.12 -8.78 16.96
CA VAL A 139 -18.74 -9.10 16.62
C VAL A 139 -17.89 -9.17 17.89
N GLU A 140 -18.15 -8.30 18.88
CA GLU A 140 -17.43 -8.41 20.13
C GLU A 140 -17.66 -9.76 20.78
N ALA A 141 -18.88 -10.30 20.68
CA ALA A 141 -19.17 -11.61 21.25
C ALA A 141 -18.36 -12.69 20.56
N VAL A 142 -18.23 -12.62 19.23
CA VAL A 142 -17.42 -13.64 18.58
C VAL A 142 -15.94 -13.49 18.95
N LEU A 143 -15.46 -12.25 19.06
CA LEU A 143 -14.04 -12.03 19.35
C LEU A 143 -13.66 -12.44 20.77
N SER A 144 -14.59 -12.30 21.71
CA SER A 144 -14.30 -12.64 23.10
C SER A 144 -14.58 -14.13 23.40
N SER A 145 -15.03 -14.89 22.42
CA SER A 145 -15.34 -16.29 22.64
C SER A 145 -14.12 -17.18 22.37
N ASP A 146 -14.20 -18.42 22.87
CA ASP A 146 -13.13 -19.40 22.68
C ASP A 146 -12.90 -19.70 21.21
N SER A 147 -13.87 -19.41 20.35
CA SER A 147 -13.80 -19.74 18.93
C SER A 147 -13.35 -18.56 18.09
N TYR A 148 -12.73 -17.55 18.69
CA TYR A 148 -12.41 -16.35 17.93
C TYR A 148 -11.52 -16.62 16.71
N PRO A 149 -10.61 -17.59 16.69
CA PRO A 149 -9.84 -17.79 15.44
C PRO A 149 -10.72 -18.13 14.24
N PHE A 150 -11.84 -18.83 14.45
CA PHE A 150 -12.72 -19.10 13.32
C PHE A 150 -13.32 -17.80 12.79
N PHE A 151 -13.74 -16.90 13.67
CA PHE A 151 -14.23 -15.62 13.17
C PHE A 151 -13.13 -14.82 12.50
N LEU A 152 -11.93 -14.79 13.11
CA LEU A 152 -10.88 -14.01 12.48
C LEU A 152 -10.63 -14.48 11.07
N ASP A 153 -10.66 -15.80 10.86
CA ASP A 153 -10.52 -16.30 9.49
C ASP A 153 -11.69 -15.85 8.63
N ALA A 154 -12.90 -15.86 9.19
CA ALA A 154 -14.09 -15.53 8.40
C ALA A 154 -14.14 -14.04 8.06
N MET A 155 -13.47 -13.21 8.84
CA MET A 155 -13.61 -11.75 8.74
C MET A 155 -13.07 -11.23 7.43
N TYR A 156 -12.08 -11.90 6.85
CA TYR A 156 -11.38 -11.37 5.68
C TYR A 156 -12.33 -11.40 4.48
N GLY A 157 -12.40 -10.29 3.76
CA GLY A 157 -13.23 -10.19 2.59
C GLY A 157 -13.69 -8.77 2.35
N ASP A 158 -14.02 -8.47 1.09
CA ASP A 158 -14.45 -7.13 0.70
C ASP A 158 -15.95 -7.04 0.40
N MET A 159 -16.69 -8.13 0.48
CA MET A 159 -18.12 -8.17 0.25
C MET A 159 -18.84 -8.88 1.38
N PRO A 160 -20.12 -8.58 1.59
CA PRO A 160 -20.94 -7.61 0.85
C PRO A 160 -20.63 -6.20 1.33
N ASN A 161 -20.90 -5.16 0.54
CA ASN A 161 -20.53 -3.81 0.93
C ASN A 161 -21.76 -2.93 1.13
N ASN A 162 -22.95 -3.53 1.15
CA ASN A 162 -24.19 -2.82 1.36
C ASN A 162 -24.92 -3.44 2.55
N TRP A 163 -25.25 -2.62 3.55
CA TRP A 163 -25.96 -3.12 4.72
C TRP A 163 -27.42 -3.42 4.40
N SER A 164 -27.93 -4.50 4.99
CA SER A 164 -29.35 -4.79 5.05
C SER A 164 -29.58 -5.52 6.35
N PRO A 165 -30.67 -5.22 7.07
CA PRO A 165 -31.01 -6.06 8.23
C PRO A 165 -31.21 -7.53 7.85
N GLU A 166 -31.33 -7.85 6.56
CA GLU A 166 -31.53 -9.23 6.14
C GLU A 166 -30.22 -10.00 5.96
N LEU A 167 -29.07 -9.32 6.05
CA LEU A 167 -27.80 -10.01 5.95
C LEU A 167 -27.68 -11.05 7.06
N ARG A 168 -27.13 -12.21 6.72
CA ARG A 168 -26.98 -13.29 7.68
C ARG A 168 -25.61 -13.93 7.54
N GLY A 169 -25.13 -14.52 8.62
CA GLY A 169 -23.94 -15.35 8.53
C GLY A 169 -22.66 -14.59 8.18
N LEU A 170 -21.81 -15.27 7.39
CA LEU A 170 -20.47 -14.77 7.11
C LEU A 170 -20.51 -13.36 6.51
N GLY A 171 -21.40 -13.13 5.56
CA GLY A 171 -21.51 -11.81 4.95
C GLY A 171 -21.85 -10.72 5.96
N ARG A 172 -22.74 -11.04 6.91
CA ARG A 172 -23.12 -10.07 7.93
C ARG A 172 -21.90 -9.70 8.77
N LEU A 173 -21.16 -10.70 9.27
CA LEU A 173 -19.99 -10.35 10.09
C LEU A 173 -18.91 -9.64 9.28
N ARG A 174 -18.71 -10.04 8.02
CA ARG A 174 -17.71 -9.35 7.20
C ARG A 174 -18.09 -7.88 6.98
N PHE A 175 -19.34 -7.60 6.63
CA PHE A 175 -19.73 -6.20 6.47
C PHE A 175 -19.53 -5.42 7.77
N ILE A 176 -19.96 -6.00 8.89
CA ILE A 176 -19.81 -5.29 10.17
C ILE A 176 -18.35 -4.95 10.43
N THR A 177 -17.47 -5.94 10.23
CA THR A 177 -16.05 -5.71 10.47
C THR A 177 -15.51 -4.61 9.56
N ASN A 178 -15.89 -4.64 8.28
CA ASN A 178 -15.39 -3.64 7.33
C ASN A 178 -15.91 -2.24 7.66
N ALA A 179 -17.17 -2.13 8.04
CA ALA A 179 -17.75 -0.83 8.40
C ALA A 179 -17.06 -0.22 9.61
N PHE A 180 -16.81 -1.02 10.66
CA PHE A 180 -16.18 -0.46 11.85
C PHE A 180 -14.68 -0.22 11.67
N THR A 181 -13.97 -1.04 10.89
CA THR A 181 -12.51 -0.97 10.92
C THR A 181 -11.82 -0.66 9.61
N ARG A 182 -12.52 -0.66 8.47
CA ARG A 182 -11.84 -0.40 7.20
C ARG A 182 -12.47 0.72 6.39
N MET A 183 -13.68 1.15 6.74
CA MET A 183 -14.43 2.16 5.99
C MET A 183 -13.63 3.42 5.73
N ARG A 184 -13.72 3.93 4.49
CA ARG A 184 -13.32 5.30 4.21
C ARG A 184 -14.37 5.94 3.31
N PHE A 185 -14.39 5.53 2.04
CA PHE A 185 -15.28 6.14 1.05
C PHE A 185 -16.57 5.35 0.90
N CYS A 186 -17.62 6.07 0.55
CA CYS A 186 -18.94 5.52 0.31
C CYS A 186 -19.42 5.92 -1.08
N PHE A 187 -20.26 5.08 -1.68
CA PHE A 187 -21.04 5.50 -2.83
C PHE A 187 -22.22 6.34 -2.36
N PRO A 188 -22.83 7.12 -3.27
CA PRO A 188 -23.93 8.01 -2.84
C PRO A 188 -24.99 7.30 -2.02
N ASN A 189 -25.27 6.03 -2.29
CA ASN A 189 -26.27 5.32 -1.51
C ASN A 189 -25.73 4.76 -0.20
N GLY A 190 -24.50 5.09 0.18
CA GLY A 190 -23.94 4.64 1.45
C GLY A 190 -23.11 3.37 1.36
N GLN A 191 -23.12 2.69 0.21
CA GLN A 191 -22.40 1.45 0.03
C GLN A 191 -20.90 1.65 0.19
N LEU A 192 -20.24 0.73 0.90
CA LEU A 192 -18.81 0.85 1.16
C LEU A 192 -17.98 0.61 -0.09
N ASP A 193 -16.96 1.45 -0.29
CA ASP A 193 -15.88 1.15 -1.22
C ASP A 193 -14.67 0.65 -0.45
N MET A 194 -14.16 -0.52 -0.82
CA MET A 194 -13.11 -1.16 -0.03
C MET A 194 -11.72 -0.96 -0.63
N TYR A 195 -11.56 -0.11 -1.64
CA TYR A 195 -10.26 -0.04 -2.32
C TYR A 195 -9.56 1.30 -2.20
N SER A 196 -10.28 2.42 -2.28
CA SER A 196 -9.60 3.71 -2.29
C SER A 196 -9.24 4.15 -0.87
N LYS A 197 -7.98 4.51 -0.67
CA LYS A 197 -7.45 4.89 0.62
C LYS A 197 -6.83 6.28 0.61
N GLU A 198 -7.05 7.05 -0.44
CA GLU A 198 -6.43 8.36 -0.56
C GLU A 198 -7.31 9.43 0.10
N SER A 199 -6.87 10.68 0.00
CA SER A 199 -7.62 11.80 0.56
C SER A 199 -8.87 12.08 -0.27
N PRO A 200 -9.88 12.71 0.35
CA PRO A 200 -11.13 12.98 -0.39
C PRO A 200 -10.91 13.77 -1.68
N GLU A 201 -9.98 14.74 -1.69
CA GLU A 201 -9.78 15.56 -2.88
C GLU A 201 -9.23 14.74 -4.04
N GLU A 202 -8.35 13.78 -3.75
CA GLU A 202 -7.69 13.01 -4.79
C GLU A 202 -8.42 11.70 -5.10
N ALA A 203 -9.62 11.50 -4.53
CA ALA A 203 -10.38 10.30 -4.83
C ALA A 203 -11.24 10.50 -6.07
N PRO A 204 -11.52 9.42 -6.80
CA PRO A 204 -12.36 9.52 -8.00
C PRO A 204 -13.86 9.50 -7.69
N ALA A 205 -14.60 10.25 -8.51
CA ALA A 205 -16.05 10.29 -8.36
C ALA A 205 -16.68 8.94 -8.70
N PRO A 206 -17.87 8.66 -8.15
CA PRO A 206 -18.67 9.51 -7.27
C PRO A 206 -18.37 9.23 -5.80
N LEU A 207 -17.16 8.81 -5.47
CA LEU A 207 -16.86 8.44 -4.09
C LEU A 207 -16.83 9.69 -3.22
N LYS A 208 -17.42 9.59 -2.04
CA LYS A 208 -17.42 10.65 -1.04
C LYS A 208 -17.10 10.05 0.33
N PRO A 209 -16.48 10.83 1.21
CA PRO A 209 -16.22 10.33 2.56
C PRO A 209 -17.52 9.90 3.22
N TRP A 210 -17.43 8.82 4.02
CA TRP A 210 -18.59 8.32 4.73
C TRP A 210 -19.26 9.44 5.53
N PHE A 211 -18.46 10.37 6.06
CA PHE A 211 -19.01 11.45 6.86
C PHE A 211 -19.64 12.57 6.03
N ALA A 212 -19.47 12.52 4.70
CA ALA A 212 -20.11 13.49 3.81
C ALA A 212 -21.53 13.08 3.43
N ILE A 213 -21.98 11.91 3.85
CA ILE A 213 -23.32 11.39 3.59
C ILE A 213 -24.12 11.50 4.88
N PRO A 214 -25.24 12.21 4.89
CA PRO A 214 -26.01 12.35 6.14
C PRO A 214 -26.51 11.00 6.64
N GLY A 215 -26.23 10.73 7.92
CA GLY A 215 -26.65 9.50 8.53
C GLY A 215 -27.26 9.77 9.89
N PRO A 216 -28.09 8.86 10.39
CA PRO A 216 -28.82 9.14 11.63
C PRO A 216 -27.93 9.29 12.84
N VAL A 217 -26.80 8.57 12.91
CA VAL A 217 -25.95 8.70 14.10
C VAL A 217 -25.25 10.05 14.09
N ALA A 218 -24.65 10.42 12.96
CA ALA A 218 -23.96 11.68 12.86
C ALA A 218 -24.88 12.87 13.05
N GLU A 219 -26.19 12.71 12.80
CA GLU A 219 -27.13 13.82 13.01
C GLU A 219 -27.33 14.12 14.49
N GLU A 220 -27.25 13.10 15.34
CA GLU A 220 -27.51 13.27 16.76
C GLU A 220 -26.25 13.30 17.60
N TYR A 221 -25.17 12.67 17.14
CA TYR A 221 -23.97 12.46 17.94
C TYR A 221 -22.76 13.07 17.25
N SER A 222 -21.79 13.51 18.04
CA SER A 222 -20.45 13.70 17.54
C SER A 222 -19.83 12.33 17.33
N ILE A 223 -18.99 12.21 16.31
CA ILE A 223 -18.30 10.95 16.06
C ILE A 223 -16.80 11.23 15.99
N ALA A 224 -16.04 10.52 16.82
CA ALA A 224 -14.59 10.56 16.77
C ALA A 224 -14.10 9.26 16.16
N PHE A 225 -13.06 9.36 15.32
CA PHE A 225 -12.54 8.14 14.68
C PHE A 225 -11.07 8.36 14.34
N GLY A 226 -10.41 7.29 13.94
CA GLY A 226 -9.01 7.38 13.51
C GLY A 226 -8.87 6.83 12.10
N HIS A 227 -7.97 5.85 11.92
CA HIS A 227 -7.94 5.00 10.74
C HIS A 227 -7.49 5.67 9.44
N TRP A 228 -8.12 6.79 9.09
CA TRP A 228 -7.99 7.34 7.74
C TRP A 228 -6.83 8.35 7.72
N ALA A 229 -5.61 7.82 7.64
CA ALA A 229 -4.43 8.67 7.79
C ALA A 229 -4.32 9.68 6.66
N SER A 230 -4.68 9.28 5.43
CA SER A 230 -4.54 10.22 4.31
C SER A 230 -5.50 11.40 4.42
N LEU A 231 -6.49 11.34 5.33
CA LEU A 231 -7.30 12.50 5.64
C LEU A 231 -6.52 13.58 6.37
N GLU A 232 -5.46 13.20 7.08
CA GLU A 232 -4.61 14.11 7.86
C GLU A 232 -5.40 14.89 8.91
N GLY A 233 -6.52 14.33 9.36
CA GLY A 233 -7.33 15.03 10.33
C GLY A 233 -8.04 16.26 9.81
N LYS A 234 -8.03 16.48 8.49
CA LYS A 234 -8.53 17.69 7.87
C LYS A 234 -9.89 17.44 7.21
N GLY A 235 -10.61 18.53 6.96
CA GLY A 235 -11.72 18.47 6.03
C GLY A 235 -12.97 17.76 6.53
N THR A 236 -13.21 17.75 7.82
CA THR A 236 -14.41 17.10 8.27
C THR A 236 -15.47 18.13 8.63
N PRO A 237 -16.74 17.72 8.59
CA PRO A 237 -17.84 18.61 8.99
C PRO A 237 -17.89 18.78 10.51
N GLU A 238 -18.69 19.77 10.93
CA GLU A 238 -18.90 19.99 12.35
C GLU A 238 -19.37 18.71 13.02
N GLY A 239 -18.80 18.41 14.17
CA GLY A 239 -19.18 17.22 14.90
C GLY A 239 -18.44 15.95 14.51
N ILE A 240 -17.57 16.01 13.51
CA ILE A 240 -16.79 14.85 13.07
C ILE A 240 -15.34 15.13 13.38
N TYR A 241 -14.69 14.22 14.11
CA TYR A 241 -13.33 14.41 14.61
C TYR A 241 -12.45 13.28 14.08
N ALA A 242 -11.67 13.58 13.05
CA ALA A 242 -10.73 12.63 12.46
C ALA A 242 -9.40 12.82 13.19
N LEU A 243 -9.10 11.91 14.11
CA LEU A 243 -7.96 12.04 15.01
C LEU A 243 -6.68 11.38 14.52
N ASP A 244 -6.73 10.59 13.45
CA ASP A 244 -5.54 9.90 12.99
C ASP A 244 -4.74 10.85 12.10
N THR A 245 -3.68 11.45 12.64
CA THR A 245 -2.83 12.35 11.85
C THR A 245 -1.49 11.69 11.49
N GLY A 246 -1.46 10.35 11.50
CA GLY A 246 -0.39 9.59 10.87
C GLY A 246 0.93 9.55 11.61
N CYS A 247 0.92 9.37 12.93
CA CYS A 247 2.17 9.40 13.68
C CYS A 247 3.17 8.37 13.15
N CYS A 248 2.73 7.13 12.96
CA CYS A 248 3.65 6.09 12.49
C CYS A 248 4.24 6.42 11.12
N TRP A 249 3.57 7.29 10.35
CA TRP A 249 3.98 7.68 9.01
C TRP A 249 4.89 8.91 8.99
N GLY A 250 5.37 9.37 10.13
CA GLY A 250 6.12 10.61 10.15
C GLY A 250 5.25 11.83 10.29
N GLY A 251 3.95 11.65 10.56
CA GLY A 251 3.08 12.76 10.85
C GLY A 251 3.12 13.13 12.31
N THR A 252 1.96 13.23 12.93
CA THR A 252 1.88 13.61 14.34
C THR A 252 0.87 12.73 15.04
N LEU A 253 1.03 12.66 16.35
CA LEU A 253 0.01 12.08 17.22
C LEU A 253 -0.84 13.21 17.78
N THR A 254 -2.15 13.13 17.57
CA THR A 254 -3.08 14.18 17.99
C THR A 254 -3.93 13.73 19.17
N CYS A 255 -4.11 14.65 20.11
CA CYS A 255 -4.94 14.46 21.30
C CYS A 255 -5.93 15.61 21.34
N LEU A 256 -7.20 15.29 21.49
CA LEU A 256 -8.25 16.30 21.64
C LEU A 256 -8.81 16.23 23.06
N ARG A 257 -8.81 17.36 23.76
CA ARG A 257 -9.50 17.42 25.04
C ARG A 257 -10.95 17.81 24.78
N TRP A 258 -11.88 16.96 25.28
CA TRP A 258 -13.29 17.08 24.91
C TRP A 258 -13.92 18.34 25.50
N GLU A 259 -13.57 18.66 26.76
CA GLU A 259 -14.28 19.73 27.46
C GLU A 259 -14.17 21.08 26.74
N ASP A 260 -12.98 21.43 26.26
CA ASP A 260 -12.79 22.69 25.55
C ASP A 260 -12.43 22.50 24.08
N LYS A 261 -12.53 21.27 23.57
CA LYS A 261 -12.13 20.96 22.20
C LYS A 261 -10.73 21.49 21.90
N GLN A 262 -9.83 21.35 22.86
CA GLN A 262 -8.50 21.88 22.63
C GLN A 262 -7.59 20.77 22.13
N TYR A 263 -6.85 21.04 21.06
CA TYR A 263 -5.96 20.05 20.50
C TYR A 263 -4.54 20.20 21.06
N PHE A 264 -3.87 19.05 21.23
CA PHE A 264 -2.47 18.96 21.60
C PHE A 264 -1.81 18.01 20.61
N VAL A 265 -0.60 18.32 20.16
CA VAL A 265 0.03 17.54 19.08
C VAL A 265 1.43 17.14 19.51
N GLN A 266 1.79 15.89 19.23
CA GLN A 266 3.14 15.40 19.47
C GLN A 266 3.80 15.06 18.14
N PRO A 267 4.91 15.71 17.77
CA PRO A 267 5.58 15.35 16.52
C PRO A 267 6.03 13.90 16.52
N SER A 268 6.00 13.30 15.34
CA SER A 268 6.59 11.98 15.17
C SER A 268 8.09 12.05 15.47
N ASN A 269 8.61 11.02 16.14
CA ASN A 269 10.05 10.96 16.45
C ASN A 269 10.86 10.49 15.25
N ARG A 270 10.25 9.71 14.37
CA ARG A 270 10.88 9.21 13.17
C ARG A 270 11.12 10.32 12.14
N ALA B 2 25.50 2.97 -30.37
CA ALA B 2 25.70 2.81 -28.93
C ALA B 2 24.43 2.31 -28.27
N THR B 3 24.60 1.75 -27.07
CA THR B 3 23.53 1.18 -26.28
C THR B 3 23.35 2.01 -25.01
N TYR B 4 22.15 2.55 -24.80
CA TYR B 4 21.87 3.35 -23.61
C TYR B 4 20.76 2.70 -22.81
N LEU B 5 20.92 2.69 -21.49
CA LEU B 5 19.93 2.15 -20.56
C LEU B 5 19.48 3.26 -19.64
N ILE B 6 18.17 3.52 -19.59
CA ILE B 6 17.66 4.58 -18.74
C ILE B 6 16.64 4.00 -17.79
N GLY B 7 16.66 4.49 -16.54
CA GLY B 7 15.74 4.04 -15.50
C GLY B 7 14.38 4.70 -15.58
N ASP B 8 13.59 4.53 -14.50
CA ASP B 8 12.17 4.92 -14.56
C ASP B 8 12.01 6.39 -14.94
N VAL B 9 11.23 6.63 -15.99
CA VAL B 9 11.01 7.98 -16.49
C VAL B 9 9.84 8.66 -15.79
N HIS B 10 8.78 7.91 -15.45
CA HIS B 10 7.64 8.44 -14.70
C HIS B 10 7.22 9.83 -15.21
N GLY B 11 6.97 9.90 -16.51
CA GLY B 11 6.43 11.13 -17.08
C GLY B 11 7.38 12.30 -17.12
N CYS B 12 8.67 12.11 -16.82
CA CYS B 12 9.64 13.21 -16.82
C CYS B 12 10.21 13.34 -18.24
N TYR B 13 9.33 13.80 -19.13
CA TYR B 13 9.66 13.89 -20.55
C TYR B 13 10.82 14.86 -20.79
N ASP B 14 10.76 16.06 -20.20
CA ASP B 14 11.82 17.04 -20.44
C ASP B 14 13.19 16.50 -20.05
N GLU B 15 13.27 15.83 -18.90
CA GLU B 15 14.53 15.27 -18.41
C GLU B 15 15.02 14.15 -19.31
N LEU B 16 14.09 13.32 -19.79
CA LEU B 16 14.46 12.25 -20.71
C LEU B 16 15.10 12.83 -21.98
N ILE B 17 14.43 13.80 -22.60
CA ILE B 17 14.95 14.35 -23.84
C ILE B 17 16.28 15.06 -23.60
N ALA B 18 16.40 15.78 -22.48
CA ALA B 18 17.66 16.46 -22.21
C ALA B 18 18.81 15.46 -22.05
N LEU B 19 18.57 14.36 -21.35
CA LEU B 19 19.58 13.32 -21.20
C LEU B 19 19.92 12.67 -22.54
N LEU B 20 18.90 12.39 -23.37
CA LEU B 20 19.18 11.78 -24.67
C LEU B 20 19.92 12.75 -25.58
N HIS B 21 19.63 14.05 -25.49
CA HIS B 21 20.39 15.02 -26.29
C HIS B 21 21.82 15.13 -25.79
N LYS B 22 22.00 15.02 -24.48
CA LYS B 22 23.34 15.11 -23.92
C LYS B 22 24.24 14.00 -24.47
N VAL B 23 23.71 12.79 -24.67
CA VAL B 23 24.50 11.68 -25.23
C VAL B 23 24.34 11.59 -26.75
N GLU B 24 23.64 12.56 -27.34
CA GLU B 24 23.39 12.58 -28.78
C GLU B 24 22.78 11.28 -29.27
N PHE B 25 21.76 10.80 -28.56
CA PHE B 25 21.09 9.57 -28.94
C PHE B 25 20.52 9.67 -30.34
N THR B 26 20.87 8.71 -31.20
CA THR B 26 20.50 8.75 -32.62
C THR B 26 19.84 7.45 -33.05
N PRO B 27 18.51 7.41 -33.14
CA PRO B 27 17.83 6.20 -33.61
C PRO B 27 18.44 5.73 -34.92
N GLY B 28 18.59 4.42 -35.05
CA GLY B 28 19.21 3.84 -36.22
C GLY B 28 20.68 3.52 -36.01
N LYS B 29 21.35 4.36 -35.23
CA LYS B 29 22.73 4.10 -34.81
C LYS B 29 22.80 3.65 -33.37
N ASP B 30 21.84 4.04 -32.55
CA ASP B 30 21.84 3.75 -31.12
C ASP B 30 20.57 3.02 -30.75
N THR B 31 20.62 2.28 -29.65
CA THR B 31 19.44 1.63 -29.07
C THR B 31 19.29 2.09 -27.63
N LEU B 32 18.05 2.31 -27.22
CA LEU B 32 17.74 2.75 -25.87
C LEU B 32 16.95 1.66 -25.16
N TRP B 33 17.42 1.23 -23.99
CA TRP B 33 16.67 0.35 -23.13
C TRP B 33 16.03 1.18 -22.03
N LEU B 34 14.76 0.89 -21.72
CA LEU B 34 14.01 1.59 -20.68
C LEU B 34 13.46 0.57 -19.68
N THR B 35 13.68 0.82 -18.39
CA THR B 35 13.29 -0.12 -17.34
C THR B 35 11.80 -0.09 -17.02
N GLY B 36 11.00 0.67 -17.77
CA GLY B 36 9.57 0.71 -17.49
C GLY B 36 9.24 1.79 -16.49
N ASP B 37 7.96 1.80 -16.07
CA ASP B 37 7.41 2.95 -15.35
C ASP B 37 7.63 4.22 -16.16
N LEU B 38 7.16 4.19 -17.39
CA LEU B 38 7.24 5.33 -18.29
C LEU B 38 6.33 6.46 -17.83
N VAL B 39 5.30 6.17 -17.04
CA VAL B 39 4.20 7.08 -16.80
C VAL B 39 3.98 7.28 -15.31
N ALA B 40 3.16 8.29 -14.99
CA ALA B 40 2.69 8.59 -13.63
C ALA B 40 3.67 9.46 -12.86
N ARG B 41 3.11 10.31 -11.99
CA ARG B 41 3.85 11.15 -11.07
C ARG B 41 4.43 12.37 -11.77
N GLY B 42 5.26 12.17 -12.79
CA GLY B 42 5.74 13.28 -13.60
C GLY B 42 4.63 13.89 -14.43
N PRO B 43 4.88 15.06 -15.04
CA PRO B 43 3.81 15.76 -15.76
C PRO B 43 3.59 15.31 -17.20
N GLY B 44 4.53 14.60 -17.83
CA GLY B 44 4.41 14.36 -19.25
C GLY B 44 4.30 12.93 -19.72
N SER B 45 3.47 12.11 -19.05
CA SER B 45 3.27 10.71 -19.46
C SER B 45 2.82 10.60 -20.90
N LEU B 46 1.97 11.52 -21.36
CA LEU B 46 1.50 11.50 -22.74
C LEU B 46 2.65 11.68 -23.72
N ASP B 47 3.49 12.70 -23.50
CA ASP B 47 4.62 12.97 -24.37
C ASP B 47 5.61 11.81 -24.34
N VAL B 48 5.85 11.25 -23.14
CA VAL B 48 6.76 10.11 -23.03
C VAL B 48 6.28 8.96 -23.89
N LEU B 49 5.01 8.56 -23.73
CA LEU B 49 4.52 7.42 -24.52
C LEU B 49 4.55 7.72 -26.01
N ARG B 50 4.16 8.93 -26.42
CA ARG B 50 4.22 9.25 -27.84
C ARG B 50 5.64 9.09 -28.38
N TYR B 51 6.62 9.65 -27.66
CA TYR B 51 7.99 9.60 -28.14
C TYR B 51 8.53 8.17 -28.16
N VAL B 52 8.36 7.45 -27.05
CA VAL B 52 8.92 6.11 -26.99
C VAL B 52 8.31 5.22 -28.07
N LYS B 53 6.99 5.34 -28.28
CA LYS B 53 6.39 4.57 -29.38
C LYS B 53 7.00 4.95 -30.72
N SER B 54 7.28 6.24 -30.94
CA SER B 54 7.81 6.67 -32.23
C SER B 54 9.21 6.10 -32.48
N LEU B 55 9.89 5.67 -31.42
CA LEU B 55 11.24 5.14 -31.61
C LEU B 55 11.26 3.76 -32.26
N GLY B 56 10.18 3.00 -32.17
CA GLY B 56 10.12 1.70 -32.83
C GLY B 56 11.23 0.77 -32.34
N ASP B 57 11.92 0.13 -33.28
CA ASP B 57 12.97 -0.82 -32.94
C ASP B 57 14.18 -0.18 -32.28
N SER B 58 14.26 1.15 -32.23
CA SER B 58 15.37 1.77 -31.53
C SER B 58 15.16 1.81 -30.02
N VAL B 59 14.07 1.28 -29.51
CA VAL B 59 13.86 1.20 -28.07
C VAL B 59 13.51 -0.24 -27.69
N ARG B 60 14.04 -0.68 -26.54
CA ARG B 60 13.75 -1.95 -25.91
C ARG B 60 13.17 -1.66 -24.52
N LEU B 61 11.86 -1.81 -24.41
CA LEU B 61 11.14 -1.48 -23.19
C LEU B 61 10.78 -2.76 -22.42
N VAL B 62 10.70 -2.63 -21.11
CA VAL B 62 9.99 -3.61 -20.28
C VAL B 62 8.92 -2.85 -19.50
N LEU B 63 7.81 -3.51 -19.25
CA LEU B 63 6.71 -2.84 -18.55
C LEU B 63 6.95 -2.85 -17.04
N GLY B 64 6.62 -1.74 -16.39
CA GLY B 64 6.69 -1.64 -14.95
C GLY B 64 5.30 -1.70 -14.31
N ASN B 65 5.28 -1.61 -12.98
CA ASN B 65 4.01 -1.70 -12.27
C ASN B 65 3.12 -0.49 -12.55
N HIS B 66 3.70 0.69 -12.78
CA HIS B 66 2.86 1.84 -13.09
C HIS B 66 2.34 1.80 -14.53
N ASP B 67 3.07 1.16 -15.44
CA ASP B 67 2.54 0.91 -16.78
C ASP B 67 1.33 -0.04 -16.71
N LEU B 68 1.44 -1.11 -15.93
CA LEU B 68 0.31 -2.02 -15.78
C LEU B 68 -0.88 -1.32 -15.12
N HIS B 69 -0.63 -0.49 -14.09
CA HIS B 69 -1.74 0.25 -13.50
C HIS B 69 -2.40 1.19 -14.51
N LEU B 70 -1.61 1.91 -15.31
CA LEU B 70 -2.20 2.74 -16.36
C LEU B 70 -3.08 1.89 -17.26
N LEU B 71 -2.61 0.72 -17.66
CA LEU B 71 -3.44 -0.13 -18.52
C LEU B 71 -4.72 -0.55 -17.82
N ALA B 72 -4.63 -0.86 -16.53
CA ALA B 72 -5.83 -1.25 -15.78
C ALA B 72 -6.84 -0.11 -15.73
N VAL B 73 -6.36 1.12 -15.57
CA VAL B 73 -7.26 2.28 -15.58
C VAL B 73 -7.90 2.42 -16.96
N PHE B 74 -7.07 2.34 -18.00
CA PHE B 74 -7.58 2.43 -19.37
C PHE B 74 -8.68 1.41 -19.63
N ALA B 75 -8.52 0.19 -19.11
CA ALA B 75 -9.45 -0.91 -19.33
C ALA B 75 -10.67 -0.89 -18.41
N GLY B 76 -10.79 0.13 -17.55
CA GLY B 76 -11.90 0.20 -16.63
C GLY B 76 -11.80 -0.75 -15.44
N ILE B 77 -10.63 -1.34 -15.22
CA ILE B 77 -10.44 -2.25 -14.09
C ILE B 77 -10.18 -1.45 -12.82
N SER B 78 -9.40 -0.38 -12.92
CA SER B 78 -8.99 0.38 -11.76
C SER B 78 -9.35 1.84 -11.98
N ARG B 79 -9.57 2.56 -10.90
CA ARG B 79 -10.07 3.91 -11.03
C ARG B 79 -8.89 4.88 -11.16
N ASN B 80 -9.03 5.86 -12.03
CA ASN B 80 -7.95 6.82 -12.28
C ASN B 80 -7.78 7.73 -11.07
N LYS B 81 -6.56 7.80 -10.54
CA LYS B 81 -6.31 8.75 -9.46
C LYS B 81 -5.76 10.06 -10.03
N PRO B 82 -6.42 11.20 -9.80
CA PRO B 82 -5.93 12.44 -10.43
C PRO B 82 -4.46 12.74 -10.18
N LYS B 83 -3.97 12.55 -8.96
CA LYS B 83 -2.60 12.89 -8.61
C LYS B 83 -1.57 12.13 -9.42
N ASP B 84 -1.95 11.02 -10.04
CA ASP B 84 -1.03 10.26 -10.87
C ASP B 84 -0.68 11.00 -12.15
N ARG B 85 -1.49 12.00 -12.52
CA ARG B 85 -1.30 12.81 -13.71
C ARG B 85 -1.38 11.98 -14.99
N LEU B 86 -2.29 11.00 -15.00
CA LEU B 86 -2.53 10.20 -16.20
C LEU B 86 -3.70 10.71 -17.03
N THR B 87 -4.44 11.69 -16.54
CA THR B 87 -5.66 12.09 -17.23
C THR B 87 -5.36 12.65 -18.61
N PRO B 88 -4.34 13.46 -18.82
CA PRO B 88 -4.09 13.95 -20.18
C PRO B 88 -3.89 12.82 -21.17
N LEU B 89 -3.18 11.76 -20.74
CA LEU B 89 -2.94 10.62 -21.61
C LEU B 89 -4.24 9.85 -21.87
N LEU B 90 -5.01 9.61 -20.81
CA LEU B 90 -6.25 8.84 -20.96
C LEU B 90 -7.24 9.56 -21.87
N GLU B 91 -7.21 10.89 -21.88
CA GLU B 91 -8.17 11.69 -22.66
C GLU B 91 -7.65 12.08 -24.04
N ALA B 92 -6.41 11.69 -24.38
CA ALA B 92 -5.84 12.08 -25.65
C ALA B 92 -6.54 11.38 -26.80
N PRO B 93 -6.64 12.04 -27.96
CA PRO B 93 -7.28 11.38 -29.12
C PRO B 93 -6.57 10.10 -29.51
N ASP B 94 -5.26 9.99 -29.25
CA ASP B 94 -4.51 8.79 -29.62
C ASP B 94 -4.32 7.85 -28.44
N ALA B 95 -5.13 7.99 -27.39
CA ALA B 95 -4.96 7.12 -26.22
C ALA B 95 -5.03 5.64 -26.61
N ASP B 96 -6.01 5.26 -27.46
CA ASP B 96 -6.13 3.86 -27.86
C ASP B 96 -4.87 3.36 -28.55
N GLU B 97 -4.41 4.11 -29.56
CA GLU B 97 -3.18 3.73 -30.26
C GLU B 97 -2.03 3.51 -29.28
N LEU B 98 -1.84 4.46 -28.37
CA LEU B 98 -0.71 4.38 -27.45
C LEU B 98 -0.84 3.21 -26.48
N LEU B 99 -2.03 2.99 -25.91
CA LEU B 99 -2.15 2.02 -24.84
C LEU B 99 -2.24 0.61 -25.40
N ASN B 100 -2.85 0.46 -26.58
CA ASN B 100 -2.81 -0.83 -27.26
C ASN B 100 -1.38 -1.16 -27.68
N TRP B 101 -0.56 -0.16 -28.03
CA TRP B 101 0.86 -0.44 -28.24
C TRP B 101 1.55 -0.82 -26.93
N LEU B 102 1.29 -0.07 -25.86
CA LEU B 102 1.95 -0.29 -24.58
C LEU B 102 1.71 -1.70 -24.06
N ARG B 103 0.47 -2.19 -24.17
CA ARG B 103 0.17 -3.50 -23.61
C ARG B 103 0.80 -4.64 -24.39
N ARG B 104 1.35 -4.36 -25.57
CA ARG B 104 2.04 -5.38 -26.34
C ARG B 104 3.54 -5.45 -26.05
N GLN B 105 4.03 -4.63 -25.12
CA GLN B 105 5.47 -4.58 -24.94
C GLN B 105 5.95 -5.64 -23.96
N PRO B 106 7.24 -6.01 -24.01
CA PRO B 106 7.69 -7.16 -23.20
C PRO B 106 7.79 -6.82 -21.72
N LEU B 107 7.83 -7.89 -20.91
CA LEU B 107 8.20 -7.81 -19.51
C LEU B 107 9.68 -8.05 -19.28
N LEU B 108 10.35 -8.62 -20.27
CA LEU B 108 11.72 -9.10 -20.12
C LEU B 108 12.46 -8.84 -21.43
N GLN B 109 13.66 -8.30 -21.34
CA GLN B 109 14.53 -8.12 -22.49
C GLN B 109 15.83 -8.86 -22.25
N ILE B 110 16.30 -9.61 -23.24
CA ILE B 110 17.55 -10.37 -23.15
C ILE B 110 18.37 -10.09 -24.39
N ASP B 111 19.65 -9.76 -24.20
CA ASP B 111 20.59 -9.61 -25.30
C ASP B 111 21.75 -10.56 -25.01
N GLU B 112 21.83 -11.64 -25.80
CA GLU B 112 22.86 -12.66 -25.59
C GLU B 112 24.26 -12.15 -25.94
N GLU B 113 24.38 -11.26 -26.92
CA GLU B 113 25.70 -10.75 -27.28
C GLU B 113 26.27 -9.85 -26.18
N LYS B 114 25.41 -9.15 -25.46
CA LYS B 114 25.87 -8.36 -24.34
C LYS B 114 25.82 -9.11 -23.03
N LYS B 115 25.27 -10.33 -23.02
CA LYS B 115 25.00 -11.06 -21.78
C LYS B 115 24.27 -10.17 -20.79
N LEU B 116 23.16 -9.57 -21.27
CA LEU B 116 22.46 -8.55 -20.51
C LEU B 116 20.96 -8.87 -20.47
N VAL B 117 20.38 -8.81 -19.28
CA VAL B 117 18.97 -9.07 -19.03
C VAL B 117 18.39 -7.82 -18.39
N MET B 118 17.17 -7.45 -18.81
CA MET B 118 16.49 -6.35 -18.15
C MET B 118 15.04 -6.73 -17.85
N ALA B 119 14.60 -6.38 -16.64
CA ALA B 119 13.19 -6.41 -16.25
C ALA B 119 12.97 -5.24 -15.33
N HIS B 120 11.71 -4.89 -15.09
CA HIS B 120 11.45 -3.68 -14.30
C HIS B 120 12.03 -3.80 -12.89
N ALA B 121 11.73 -4.90 -12.19
CA ALA B 121 12.13 -5.05 -10.81
C ALA B 121 13.36 -5.93 -10.64
N GLY B 122 13.79 -6.63 -11.68
CA GLY B 122 14.91 -7.55 -11.56
C GLY B 122 14.47 -8.95 -11.90
N ILE B 123 15.27 -9.94 -11.50
CA ILE B 123 14.98 -11.36 -11.74
C ILE B 123 15.02 -12.05 -10.39
N THR B 124 13.89 -12.61 -9.97
CA THR B 124 13.89 -13.28 -8.68
C THR B 124 14.93 -14.38 -8.67
N PRO B 125 15.64 -14.58 -7.56
CA PRO B 125 16.63 -15.69 -7.48
C PRO B 125 15.98 -17.06 -7.61
N GLN B 126 14.65 -17.16 -7.49
CA GLN B 126 13.98 -18.44 -7.64
C GLN B 126 13.81 -18.84 -9.11
N TRP B 127 14.19 -17.98 -10.05
CA TRP B 127 14.05 -18.27 -11.47
C TRP B 127 15.40 -18.45 -12.14
N ASP B 128 15.50 -19.49 -12.97
CA ASP B 128 16.58 -19.53 -13.94
C ASP B 128 16.10 -18.82 -15.22
N LEU B 129 16.99 -18.71 -16.21
CA LEU B 129 16.65 -17.91 -17.38
C LEU B 129 15.49 -18.51 -18.16
N GLN B 130 15.49 -19.84 -18.31
CA GLN B 130 14.45 -20.45 -19.12
C GLN B 130 13.07 -20.24 -18.48
N THR B 131 13.01 -20.32 -17.16
CA THR B 131 11.75 -20.07 -16.45
C THR B 131 11.33 -18.60 -16.59
N ALA B 132 12.26 -17.67 -16.37
CA ALA B 132 11.94 -16.25 -16.56
C ALA B 132 11.38 -16.00 -17.96
N LYS B 133 11.97 -16.64 -18.97
CA LYS B 133 11.53 -16.42 -20.35
C LYS B 133 10.12 -16.97 -20.54
N GLU B 134 9.87 -18.17 -20.05
CA GLU B 134 8.54 -18.74 -20.20
C GLU B 134 7.49 -17.89 -19.49
N CYS B 135 7.82 -17.41 -18.30
CA CYS B 135 6.86 -16.61 -17.53
C CYS B 135 6.57 -15.29 -18.22
N ALA B 136 7.62 -14.61 -18.69
CA ALA B 136 7.40 -13.37 -19.44
C ALA B 136 6.52 -13.63 -20.65
N ARG B 137 6.78 -14.72 -21.37
CA ARG B 137 5.99 -15.01 -22.56
C ARG B 137 4.52 -15.22 -22.22
N ASP B 138 4.24 -15.92 -21.12
CA ASP B 138 2.85 -16.18 -20.75
C ASP B 138 2.11 -14.89 -20.40
N VAL B 139 2.74 -14.03 -19.61
CA VAL B 139 1.99 -12.84 -19.21
C VAL B 139 1.91 -11.85 -20.39
N GLU B 140 2.95 -11.82 -21.22
CA GLU B 140 2.90 -10.94 -22.41
C GLU B 140 1.73 -11.39 -23.32
N ALA B 141 1.51 -12.71 -23.40
CA ALA B 141 0.43 -13.25 -24.25
C ALA B 141 -0.93 -12.74 -23.78
N VAL B 142 -1.18 -12.79 -22.47
CA VAL B 142 -2.51 -12.35 -21.93
C VAL B 142 -2.64 -10.83 -22.10
N LEU B 143 -1.54 -10.09 -21.94
CA LEU B 143 -1.60 -8.61 -22.03
C LEU B 143 -1.88 -8.20 -23.48
N SER B 144 -1.37 -8.97 -24.45
CA SER B 144 -1.61 -8.64 -25.85
C SER B 144 -2.87 -9.28 -26.38
N SER B 145 -3.59 -10.03 -25.55
CA SER B 145 -4.81 -10.69 -26.01
C SER B 145 -6.01 -9.78 -25.85
N ASP B 146 -7.08 -10.11 -26.58
CA ASP B 146 -8.32 -9.33 -26.46
C ASP B 146 -8.91 -9.38 -25.06
N SER B 147 -8.48 -10.33 -24.24
CA SER B 147 -9.05 -10.51 -22.91
C SER B 147 -8.22 -9.83 -21.83
N TYR B 148 -7.36 -8.90 -22.22
CA TYR B 148 -6.45 -8.29 -21.25
C TYR B 148 -7.14 -7.60 -20.07
N PRO B 149 -8.36 -7.02 -20.16
CA PRO B 149 -9.01 -6.41 -18.95
C PRO B 149 -9.20 -7.45 -17.85
N PHE B 150 -9.55 -8.68 -18.25
N PHE B 150 -9.62 -8.65 -18.24
CA PHE B 150 -9.81 -9.75 -17.25
CA PHE B 150 -9.91 -9.71 -17.23
C PHE B 150 -8.49 -10.11 -16.56
C PHE B 150 -8.60 -10.07 -16.52
N PHE B 151 -7.42 -10.24 -17.34
N PHE B 151 -7.53 -10.20 -17.29
CA PHE B 151 -6.09 -10.53 -16.75
CA PHE B 151 -6.23 -10.55 -16.75
C PHE B 151 -5.74 -9.38 -15.83
C PHE B 151 -5.58 -9.41 -15.97
N LEU B 152 -5.84 -8.16 -16.35
CA LEU B 152 -5.39 -7.04 -15.54
C LEU B 152 -6.09 -7.07 -14.19
N ASP B 153 -7.39 -7.39 -14.18
CA ASP B 153 -8.10 -7.54 -12.91
C ASP B 153 -7.51 -8.70 -12.11
N ALA B 154 -7.17 -9.80 -12.78
CA ALA B 154 -6.68 -10.98 -12.08
C ALA B 154 -5.30 -10.78 -11.50
N MET B 155 -4.51 -9.87 -12.07
N MET B 155 -4.49 -9.88 -12.08
CA MET B 155 -3.10 -9.70 -11.68
CA MET B 155 -3.09 -9.79 -11.66
C MET B 155 -2.96 -9.20 -10.26
C MET B 155 -2.95 -9.22 -10.25
N TYR B 156 -3.97 -8.50 -9.76
CA TYR B 156 -3.90 -7.91 -8.43
C TYR B 156 -3.88 -9.00 -7.37
N GLY B 157 -2.95 -8.89 -6.43
CA GLY B 157 -2.82 -9.84 -5.34
C GLY B 157 -1.39 -9.90 -4.87
N ASP B 158 -1.22 -10.27 -3.59
CA ASP B 158 0.10 -10.33 -2.97
C ASP B 158 0.59 -11.74 -2.70
N MET B 159 -0.19 -12.76 -3.05
CA MET B 159 0.14 -14.17 -2.88
C MET B 159 -0.11 -14.90 -4.19
N PRO B 160 0.59 -16.03 -4.44
CA PRO B 160 1.63 -16.64 -3.62
C PRO B 160 2.93 -15.91 -3.77
N ASN B 161 3.87 -16.07 -2.85
CA ASN B 161 5.14 -15.36 -2.91
C ASN B 161 6.32 -16.30 -3.09
N ASN B 162 6.05 -17.56 -3.39
CA ASN B 162 7.09 -18.57 -3.58
C ASN B 162 6.88 -19.22 -4.95
N TRP B 163 7.93 -19.19 -5.80
CA TRP B 163 7.81 -19.81 -7.11
C TRP B 163 7.81 -21.33 -7.01
N SER B 164 6.97 -21.97 -7.83
CA SER B 164 7.09 -23.39 -8.05
C SER B 164 6.63 -23.67 -9.47
N PRO B 165 7.31 -24.55 -10.21
CA PRO B 165 6.76 -24.98 -11.51
C PRO B 165 5.37 -25.60 -11.39
N GLU B 166 4.92 -25.94 -10.18
CA GLU B 166 3.61 -26.52 -9.99
C GLU B 166 2.51 -25.49 -9.81
N LEU B 167 2.87 -24.21 -9.69
CA LEU B 167 1.84 -23.18 -9.58
C LEU B 167 0.93 -23.22 -10.79
N ARG B 168 -0.37 -23.03 -10.54
CA ARG B 168 -1.36 -23.04 -11.60
C ARG B 168 -2.31 -21.86 -11.45
N GLY B 169 -2.84 -21.41 -12.59
CA GLY B 169 -3.95 -20.46 -12.55
C GLY B 169 -3.57 -19.10 -12.01
N LEU B 170 -4.54 -18.50 -11.29
CA LEU B 170 -4.43 -17.11 -10.85
C LEU B 170 -3.15 -16.90 -10.04
N GLY B 171 -2.85 -17.83 -9.14
CA GLY B 171 -1.64 -17.70 -8.33
C GLY B 171 -0.37 -17.62 -9.16
N ARG B 172 -0.31 -18.43 -10.22
CA ARG B 172 0.86 -18.42 -11.10
C ARG B 172 1.00 -17.06 -11.78
N LEU B 173 -0.09 -16.56 -12.39
CA LEU B 173 0.04 -15.25 -13.06
C LEU B 173 0.34 -14.11 -12.09
N ARG B 174 -0.27 -14.14 -10.90
CA ARG B 174 0.01 -13.13 -9.86
C ARG B 174 1.47 -13.15 -9.43
N PHE B 175 2.00 -14.33 -9.16
CA PHE B 175 3.42 -14.39 -8.78
C PHE B 175 4.29 -13.82 -9.88
N ILE B 176 4.05 -14.22 -11.12
CA ILE B 176 4.88 -13.75 -12.23
C ILE B 176 4.84 -12.23 -12.31
N THR B 177 3.63 -11.65 -12.23
CA THR B 177 3.51 -10.19 -12.32
C THR B 177 4.27 -9.52 -11.19
N ASN B 178 4.13 -10.05 -9.98
CA ASN B 178 4.80 -9.46 -8.82
C ASN B 178 6.32 -9.58 -8.93
N ALA B 179 6.80 -10.72 -9.42
CA ALA B 179 8.24 -10.91 -9.54
C ALA B 179 8.83 -9.93 -10.55
N PHE B 180 8.18 -9.76 -11.70
CA PHE B 180 8.76 -8.86 -12.70
C PHE B 180 8.60 -7.39 -12.35
N THR B 181 7.50 -7.01 -11.67
CA THR B 181 7.17 -5.59 -11.61
C THR B 181 7.08 -5.01 -10.20
N ARG B 182 7.09 -5.82 -9.13
CA ARG B 182 6.93 -5.27 -7.79
C ARG B 182 8.04 -5.67 -6.82
N MET B 183 8.81 -6.71 -7.13
CA MET B 183 9.86 -7.23 -6.26
C MET B 183 10.83 -6.16 -5.76
N ARG B 184 11.17 -6.25 -4.48
CA ARG B 184 12.33 -5.60 -3.88
C ARG B 184 13.01 -6.59 -2.94
N PHE B 185 12.38 -6.84 -1.81
CA PHE B 185 12.97 -7.66 -0.76
C PHE B 185 12.54 -9.11 -0.87
N CYS B 186 13.45 -9.99 -0.43
CA CYS B 186 13.22 -11.42 -0.37
C CYS B 186 13.48 -11.90 1.04
N PHE B 187 12.80 -12.97 1.42
CA PHE B 187 13.21 -13.75 2.58
C PHE B 187 14.42 -14.59 2.20
N PRO B 188 15.17 -15.08 3.19
CA PRO B 188 16.40 -15.83 2.86
C PRO B 188 16.19 -16.94 1.83
N ASN B 189 15.04 -17.59 1.84
CA ASN B 189 14.78 -18.68 0.92
C ASN B 189 14.29 -18.22 -0.44
N GLY B 190 14.31 -16.93 -0.70
CA GLY B 190 13.92 -16.38 -1.98
C GLY B 190 12.49 -15.88 -2.07
N GLN B 191 11.65 -16.15 -1.07
N GLN B 191 11.65 -16.16 -1.08
CA GLN B 191 10.25 -15.76 -1.14
CA GLN B 191 10.25 -15.76 -1.15
C GLN B 191 10.13 -14.23 -1.19
C GLN B 191 10.13 -14.23 -1.19
N LEU B 192 9.17 -13.75 -1.97
CA LEU B 192 8.95 -12.32 -2.13
C LEU B 192 8.28 -11.70 -0.91
N ASP B 193 8.77 -10.53 -0.50
CA ASP B 193 8.03 -9.68 0.42
C ASP B 193 7.39 -8.55 -0.39
N MET B 194 6.08 -8.42 -0.25
CA MET B 194 5.34 -7.50 -1.09
C MET B 194 5.03 -6.19 -0.38
N TYR B 195 5.65 -5.92 0.77
CA TYR B 195 5.26 -4.75 1.55
C TYR B 195 6.37 -3.74 1.79
N SER B 196 7.60 -4.18 2.03
CA SER B 196 8.65 -3.24 2.39
C SER B 196 9.22 -2.59 1.14
N LYS B 197 9.28 -1.25 1.13
CA LYS B 197 9.75 -0.49 -0.03
C LYS B 197 10.92 0.42 0.31
N GLU B 198 11.51 0.28 1.50
CA GLU B 198 12.55 1.19 1.94
C GLU B 198 13.91 0.71 1.47
N SER B 199 14.97 1.43 1.84
CA SER B 199 16.30 1.02 1.48
C SER B 199 16.68 -0.23 2.27
N PRO B 200 17.63 -1.01 1.73
CA PRO B 200 18.05 -2.25 2.42
C PRO B 200 18.48 -2.05 3.87
N GLU B 201 19.22 -0.98 4.18
CA GLU B 201 19.71 -0.82 5.55
C GLU B 201 18.59 -0.62 6.55
N GLU B 202 17.47 0.01 6.17
CA GLU B 202 16.38 0.24 7.11
C GLU B 202 15.27 -0.82 7.03
N ALA B 203 15.49 -1.89 6.28
CA ALA B 203 14.43 -2.88 6.18
C ALA B 203 14.42 -3.79 7.41
N PRO B 204 13.27 -4.34 7.75
CA PRO B 204 13.19 -5.21 8.94
C PRO B 204 13.74 -6.59 8.62
N ALA B 205 14.42 -7.18 9.61
CA ALA B 205 14.94 -8.53 9.42
C ALA B 205 13.78 -9.52 9.28
N PRO B 206 13.99 -10.62 8.56
CA PRO B 206 15.22 -11.05 7.87
C PRO B 206 15.26 -10.64 6.41
N LEU B 207 14.61 -9.54 6.01
CA LEU B 207 14.51 -9.19 4.60
C LEU B 207 15.85 -8.71 4.04
N LYS B 208 16.17 -9.15 2.83
CA LYS B 208 17.35 -8.77 2.06
C LYS B 208 16.98 -8.47 0.62
N PRO B 209 17.75 -7.61 -0.05
CA PRO B 209 17.47 -7.35 -1.49
C PRO B 209 17.50 -8.63 -2.30
N TRP B 210 16.61 -8.69 -3.30
CA TRP B 210 16.58 -9.86 -4.19
C TRP B 210 17.94 -10.16 -4.79
N PHE B 211 18.73 -9.13 -5.08
CA PHE B 211 20.03 -9.33 -5.70
C PHE B 211 21.09 -9.77 -4.70
N ALA B 212 20.78 -9.76 -3.41
CA ALA B 212 21.70 -10.23 -2.38
C ALA B 212 21.61 -11.73 -2.17
N ILE B 213 20.68 -12.40 -2.84
CA ILE B 213 20.52 -13.84 -2.77
C ILE B 213 21.06 -14.43 -4.06
N PRO B 214 22.06 -15.31 -4.01
CA PRO B 214 22.63 -15.83 -5.26
C PRO B 214 21.59 -16.53 -6.10
N GLY B 215 21.51 -16.15 -7.38
CA GLY B 215 20.55 -16.71 -8.29
C GLY B 215 21.20 -17.12 -9.59
N PRO B 216 20.58 -18.05 -10.33
CA PRO B 216 21.24 -18.59 -11.53
C PRO B 216 21.38 -17.62 -12.68
N VAL B 217 20.45 -16.67 -12.84
CA VAL B 217 20.56 -15.73 -13.97
C VAL B 217 21.71 -14.76 -13.74
N ALA B 218 21.82 -14.20 -12.54
CA ALA B 218 22.90 -13.29 -12.22
C ALA B 218 24.26 -13.96 -12.32
N GLU B 219 24.30 -15.29 -12.27
CA GLU B 219 25.57 -16.00 -12.38
C GLU B 219 26.16 -15.81 -13.77
N GLU B 220 25.29 -15.80 -14.79
CA GLU B 220 25.69 -15.77 -16.18
C GLU B 220 25.50 -14.40 -16.83
N TYR B 221 24.55 -13.60 -16.34
CA TYR B 221 24.16 -12.38 -17.02
C TYR B 221 24.30 -11.18 -16.12
N SER B 222 24.56 -10.03 -16.73
CA SER B 222 24.32 -8.76 -16.07
C SER B 222 22.82 -8.54 -16.02
N ILE B 223 22.34 -7.90 -14.96
CA ILE B 223 20.92 -7.56 -14.84
C ILE B 223 20.79 -6.08 -14.62
N ALA B 224 20.02 -5.42 -15.49
CA ALA B 224 19.66 -4.03 -15.32
C ALA B 224 18.19 -3.96 -14.93
N PHE B 225 17.85 -3.06 -14.02
CA PHE B 225 16.47 -2.96 -13.56
C PHE B 225 16.24 -1.53 -13.10
N GLY B 226 14.98 -1.20 -12.85
CA GLY B 226 14.63 0.11 -12.28
C GLY B 226 13.88 -0.05 -10.99
N HIS B 227 12.68 0.55 -10.90
CA HIS B 227 11.67 0.23 -9.89
C HIS B 227 12.00 0.69 -8.47
N TRP B 228 13.17 0.30 -7.94
CA TRP B 228 13.45 0.41 -6.51
C TRP B 228 14.11 1.75 -6.21
N ALA B 229 13.29 2.80 -6.17
CA ALA B 229 13.84 4.15 -6.07
C ALA B 229 14.58 4.37 -4.75
N SER B 230 14.08 3.81 -3.64
CA SER B 230 14.75 4.03 -2.35
C SER B 230 16.14 3.41 -2.29
N LEU B 231 16.48 2.53 -3.22
CA LEU B 231 17.84 2.06 -3.38
C LEU B 231 18.78 3.16 -3.88
N GLU B 232 18.24 4.19 -4.55
CA GLU B 232 19.04 5.30 -5.08
C GLU B 232 20.13 4.85 -6.05
N GLY B 233 19.91 3.71 -6.72
CA GLY B 233 20.91 3.20 -7.65
C GLY B 233 22.19 2.72 -6.99
N LYS B 234 22.22 2.62 -5.67
CA LYS B 234 23.42 2.32 -4.90
C LYS B 234 23.37 0.92 -4.32
N GLY B 235 24.54 0.41 -3.94
CA GLY B 235 24.64 -0.76 -3.10
C GLY B 235 24.38 -2.08 -3.79
N THR B 236 24.65 -2.18 -5.07
CA THR B 236 24.44 -3.44 -5.76
C THR B 236 25.75 -4.16 -6.00
N PRO B 237 25.70 -5.48 -6.16
CA PRO B 237 26.90 -6.24 -6.49
C PRO B 237 27.32 -6.00 -7.93
N GLU B 238 28.54 -6.45 -8.25
CA GLU B 238 29.02 -6.39 -9.61
C GLU B 238 28.05 -7.11 -10.55
N GLY B 239 27.77 -6.50 -11.70
CA GLY B 239 26.88 -7.08 -12.67
C GLY B 239 25.42 -6.74 -12.47
N ILE B 240 25.08 -6.03 -11.41
CA ILE B 240 23.71 -5.62 -11.10
C ILE B 240 23.64 -4.11 -11.22
N TYR B 241 22.73 -3.62 -12.04
CA TYR B 241 22.64 -2.20 -12.35
C TYR B 241 21.25 -1.71 -11.98
N ALA B 242 21.17 -0.98 -10.88
CA ALA B 242 19.92 -0.39 -10.40
C ALA B 242 19.86 1.01 -10.98
N LEU B 243 19.05 1.18 -12.03
CA LEU B 243 19.07 2.43 -12.78
C LEU B 243 18.05 3.46 -12.31
N ASP B 244 17.16 3.11 -11.40
CA ASP B 244 16.11 4.05 -10.98
C ASP B 244 16.65 4.94 -9.87
N THR B 245 17.01 6.17 -10.21
CA THR B 245 17.53 7.12 -9.24
C THR B 245 16.50 8.17 -8.90
N GLY B 246 15.22 7.87 -9.13
CA GLY B 246 14.13 8.64 -8.56
C GLY B 246 13.87 10.00 -9.18
N CYS B 247 13.93 10.09 -10.52
CA CYS B 247 13.76 11.39 -11.15
C CYS B 247 12.43 12.05 -10.74
N CYS B 248 11.32 11.30 -10.84
CA CYS B 248 10.03 11.89 -10.53
C CYS B 248 9.94 12.37 -9.08
N TRP B 249 10.77 11.85 -8.18
CA TRP B 249 10.76 12.24 -6.78
C TRP B 249 11.72 13.38 -6.46
N GLY B 250 12.28 14.05 -7.47
CA GLY B 250 13.29 15.05 -7.20
C GLY B 250 14.70 14.50 -7.13
N GLY B 251 14.91 13.25 -7.53
CA GLY B 251 16.24 12.70 -7.63
C GLY B 251 16.84 13.05 -8.97
N THR B 252 17.31 12.06 -9.71
CA THR B 252 17.93 12.26 -11.01
C THR B 252 17.44 11.19 -11.97
N LEU B 253 17.56 11.46 -13.25
CA LEU B 253 17.37 10.46 -14.29
C LEU B 253 18.75 9.94 -14.73
N THR B 254 18.96 8.64 -14.67
CA THR B 254 20.27 8.07 -14.97
C THR B 254 20.27 7.29 -16.27
N CYS B 255 21.33 7.48 -17.05
CA CYS B 255 21.54 6.78 -18.30
C CYS B 255 22.90 6.09 -18.23
N LEU B 256 22.95 4.80 -18.54
CA LEU B 256 24.20 4.06 -18.59
C LEU B 256 24.46 3.71 -20.05
N ARG B 257 25.63 4.10 -20.55
CA ARG B 257 26.05 3.62 -21.86
C ARG B 257 26.80 2.31 -21.68
N TRP B 258 26.33 1.28 -22.40
CA TRP B 258 26.78 -0.08 -22.13
C TRP B 258 28.23 -0.31 -22.57
N GLU B 259 28.63 0.29 -23.69
CA GLU B 259 29.93 -0.04 -24.28
C GLU B 259 31.08 0.27 -23.34
N ASP B 260 31.06 1.41 -22.65
CA ASP B 260 32.11 1.78 -21.73
C ASP B 260 31.63 1.85 -20.29
N LYS B 261 30.39 1.44 -20.03
CA LYS B 261 29.78 1.55 -18.70
C LYS B 261 29.88 2.99 -18.19
N GLN B 262 29.65 3.95 -19.08
CA GLN B 262 29.74 5.35 -18.66
C GLN B 262 28.36 5.87 -18.26
N TYR B 263 28.28 6.53 -17.11
CA TYR B 263 27.01 7.07 -16.62
C TYR B 263 26.86 8.53 -17.02
N PHE B 264 25.63 8.92 -17.30
CA PHE B 264 25.22 10.29 -17.55
C PHE B 264 24.00 10.55 -16.68
N VAL B 265 23.92 11.73 -16.07
CA VAL B 265 22.84 12.01 -15.13
C VAL B 265 22.18 13.31 -15.52
N GLN B 266 20.85 13.32 -15.46
CA GLN B 266 20.05 14.53 -15.67
C GLN B 266 19.37 14.91 -14.37
N PRO B 267 19.63 16.07 -13.78
CA PRO B 267 18.90 16.46 -12.57
C PRO B 267 17.41 16.60 -12.81
N SER B 268 16.63 16.26 -11.78
CA SER B 268 15.19 16.47 -11.80
C SER B 268 14.84 17.95 -11.91
N ASN B 269 13.77 18.23 -12.66
CA ASN B 269 13.28 19.61 -12.73
C ASN B 269 12.41 19.99 -11.53
N ARG B 270 11.83 19.02 -10.84
CA ARG B 270 11.00 19.30 -9.66
C ARG B 270 11.80 19.91 -8.52
#